data_1PB9
#
_entry.id   1PB9
#
_cell.length_a   41.590
_cell.length_b   72.940
_cell.length_c   96.740
_cell.angle_alpha   90.00
_cell.angle_beta   90.00
_cell.angle_gamma   90.00
#
_symmetry.space_group_name_H-M   'P 21 21 21'
#
loop_
_entity.id
_entity.type
_entity.pdbx_description
1 polymer 'N-methyl-D-aspartate Receptor Subunit 1'
2 non-polymer (R)-4-AMINO-ISOXAZOLIDIN-3-ONE
3 water water
#
_entity_poly.entity_id   1
_entity_poly.type   'polypeptide(L)'
_entity_poly.pdbx_seq_one_letter_code
;GMSTRLKIVTIHQEPFVYVKPTMSDGTCKEEFTVNGDPVKKVICTGPNDTSPGSPRHTVPQCCYGFCIDLLIKLARTMNF
TYEVHLVADGKFGTQERVNNSNKKEWNGMMGELLSGQADMIVAPLTINTERAQYIEFSKPFKYQGLTILVKKGTRITGIN
DPRLRNPSDKFIYATVKQSSVDIYFRRQVELSTMYRHMEKHNYESAAEAIQAVRDNKLHAFIWDSAVLEFEASQKCDLVT
TGELFFRSGFGIGMRKDSPWKQNVSLSILKSHENGFMEDLDKTWVRYQECDS
;
_entity_poly.pdbx_strand_id   A
#
loop_
_chem_comp.id
_chem_comp.type
_chem_comp.name
_chem_comp.formula
4AX non-polymer (R)-4-AMINO-ISOXAZOLIDIN-3-ONE 'C3 H6 N2 O2'
#
# COMPACT_ATOMS: atom_id res chain seq x y z
N THR A 4 13.84 -4.60 23.14
CA THR A 4 14.71 -3.77 22.25
C THR A 4 14.28 -3.90 20.79
N ARG A 5 13.50 -4.94 20.51
CA ARG A 5 13.02 -5.19 19.16
C ARG A 5 11.99 -4.16 18.71
N LEU A 6 12.18 -3.62 17.51
CA LEU A 6 11.23 -2.63 16.99
C LEU A 6 9.93 -3.31 16.59
N LYS A 7 8.82 -2.64 16.86
CA LYS A 7 7.51 -3.16 16.48
C LYS A 7 7.23 -2.61 15.09
N ILE A 8 7.33 -3.46 14.08
CA ILE A 8 7.08 -3.05 12.70
C ILE A 8 5.64 -3.35 12.32
N VAL A 9 4.94 -2.38 11.76
CA VAL A 9 3.58 -2.64 11.33
C VAL A 9 3.56 -2.55 9.82
N THR A 10 2.81 -3.44 9.20
CA THR A 10 2.70 -3.43 7.75
C THR A 10 1.26 -3.76 7.35
N ILE A 11 1.02 -3.96 6.06
CA ILE A 11 -0.31 -4.22 5.57
C ILE A 11 -0.25 -5.11 4.33
N HIS A 12 -1.30 -5.89 4.10
CA HIS A 12 -1.34 -6.76 2.94
C HIS A 12 -1.50 -5.87 1.70
N GLN A 13 -0.57 -5.99 0.77
CA GLN A 13 -0.63 -5.17 -0.45
C GLN A 13 0.37 -5.70 -1.48
N GLU A 14 -0.08 -6.63 -2.30
CA GLU A 14 0.79 -7.22 -3.32
C GLU A 14 1.11 -6.13 -4.35
N PRO A 15 2.34 -6.14 -4.90
CA PRO A 15 3.46 -7.05 -4.67
C PRO A 15 4.43 -6.63 -3.56
N PHE A 16 4.04 -5.64 -2.76
CA PHE A 16 4.90 -5.15 -1.69
C PHE A 16 4.90 -6.04 -0.45
N VAL A 17 3.73 -6.54 -0.12
CA VAL A 17 3.57 -7.43 1.04
C VAL A 17 2.53 -8.50 0.75
N TYR A 18 3.00 -9.73 0.66
CA TYR A 18 2.14 -10.88 0.45
C TYR A 18 1.90 -11.43 1.86
N VAL A 19 0.71 -11.96 2.09
CA VAL A 19 0.37 -12.54 3.39
C VAL A 19 -0.25 -13.91 3.14
N LYS A 20 0.39 -14.95 3.66
CA LYS A 20 -0.08 -16.32 3.47
C LYS A 20 -0.11 -17.09 4.77
N PRO A 21 -0.94 -18.14 4.83
CA PRO A 21 -1.02 -18.93 6.06
C PRO A 21 0.26 -19.75 6.22
N THR A 22 0.61 -20.05 7.45
CA THR A 22 1.78 -20.87 7.74
C THR A 22 1.38 -22.29 7.39
N MET A 23 2.36 -23.17 7.25
CA MET A 23 2.08 -24.57 6.97
C MET A 23 1.53 -25.14 8.26
N SER A 24 1.05 -26.37 8.22
CA SER A 24 0.50 -26.99 9.41
C SER A 24 1.48 -27.04 10.58
N ASP A 25 2.78 -27.05 10.29
CA ASP A 25 3.78 -27.11 11.35
C ASP A 25 4.22 -25.74 11.87
N GLY A 26 3.61 -24.68 11.35
CA GLY A 26 3.96 -23.34 11.80
C GLY A 26 5.05 -22.62 11.03
N THR A 27 5.71 -23.31 10.10
CA THR A 27 6.76 -22.68 9.31
C THR A 27 6.17 -22.13 8.02
N CYS A 28 7.03 -21.49 7.23
CA CYS A 28 6.61 -20.90 5.96
C CYS A 28 7.14 -21.71 4.79
N LYS A 29 6.27 -21.96 3.81
CA LYS A 29 6.62 -22.73 2.63
C LYS A 29 7.89 -22.24 1.95
N GLU A 30 8.77 -23.17 1.59
CA GLU A 30 10.02 -22.79 0.92
C GLU A 30 9.74 -22.50 -0.54
N GLU A 31 9.96 -21.25 -0.95
CA GLU A 31 9.74 -20.86 -2.33
C GLU A 31 10.96 -20.13 -2.87
N PHE A 32 11.01 -19.96 -4.19
CA PHE A 32 12.14 -19.28 -4.81
C PHE A 32 11.72 -18.18 -5.79
N THR A 33 12.54 -17.15 -5.87
CA THR A 33 12.27 -16.02 -6.74
C THR A 33 12.50 -16.40 -8.20
N VAL A 34 12.28 -15.45 -9.08
CA VAL A 34 12.46 -15.66 -10.51
C VAL A 34 13.94 -15.90 -10.83
N ASN A 35 14.81 -15.49 -9.91
CA ASN A 35 16.26 -15.66 -10.08
C ASN A 35 16.75 -16.98 -9.48
N GLY A 36 15.88 -17.67 -8.75
CA GLY A 36 16.27 -18.93 -8.14
C GLY A 36 16.69 -18.81 -6.69
N ASP A 37 16.65 -17.60 -6.15
CA ASP A 37 17.04 -17.38 -4.76
C ASP A 37 15.87 -17.66 -3.83
N PRO A 38 16.16 -18.08 -2.59
CA PRO A 38 15.06 -18.35 -1.67
C PRO A 38 14.28 -17.07 -1.38
N VAL A 39 12.96 -17.17 -1.34
CA VAL A 39 12.14 -16.02 -1.01
C VAL A 39 12.29 -15.83 0.49
N LYS A 40 12.65 -14.62 0.90
CA LYS A 40 12.82 -14.34 2.32
C LYS A 40 11.44 -14.18 2.96
N LYS A 41 11.17 -14.95 4.00
CA LYS A 41 9.87 -14.87 4.65
C LYS A 41 9.98 -14.57 6.14
N VAL A 42 9.10 -13.70 6.61
CA VAL A 42 9.10 -13.34 8.02
C VAL A 42 7.73 -13.65 8.60
N ILE A 43 7.70 -13.91 9.90
CA ILE A 43 6.43 -14.19 10.54
C ILE A 43 5.77 -12.85 10.85
N CYS A 44 4.51 -12.70 10.48
CA CYS A 44 3.77 -11.49 10.75
C CYS A 44 2.45 -11.87 11.37
N THR A 45 2.22 -11.41 12.60
CA THR A 45 0.98 -11.72 13.30
C THR A 45 -0.09 -10.71 12.91
N GLY A 46 -1.33 -11.17 12.81
CA GLY A 46 -2.40 -10.26 12.45
C GLY A 46 -3.70 -10.98 12.18
N PRO A 47 -4.78 -10.23 11.92
CA PRO A 47 -6.08 -10.85 11.65
C PRO A 47 -6.04 -11.72 10.39
N ASN A 48 -6.76 -12.84 10.45
CA ASN A 48 -6.81 -13.76 9.32
C ASN A 48 -7.73 -13.26 8.22
N HIS A 57 -9.93 -13.27 14.23
CA HIS A 57 -8.86 -14.01 14.87
C HIS A 57 -7.48 -13.57 14.41
N THR A 58 -6.61 -13.28 15.37
CA THR A 58 -5.25 -12.85 15.08
C THR A 58 -4.32 -14.06 15.24
N VAL A 59 -3.56 -14.36 14.20
CA VAL A 59 -2.65 -15.50 14.24
C VAL A 59 -1.38 -15.24 13.45
N PRO A 60 -0.33 -16.03 13.68
CA PRO A 60 0.94 -15.86 12.97
C PRO A 60 0.76 -16.27 11.51
N GLN A 61 1.27 -15.45 10.60
CA GLN A 61 1.17 -15.73 9.17
C GLN A 61 2.53 -15.48 8.52
N CYS A 62 2.64 -15.80 7.24
CA CYS A 62 3.90 -15.61 6.51
C CYS A 62 3.81 -14.38 5.63
N CYS A 63 4.80 -13.50 5.76
CA CYS A 63 4.85 -12.27 4.98
C CYS A 63 6.11 -12.23 4.12
N TYR A 64 6.00 -11.71 2.91
CA TYR A 64 7.14 -11.59 2.01
C TYR A 64 6.80 -10.58 0.91
N GLY A 65 7.81 -10.19 0.13
CA GLY A 65 7.57 -9.25 -0.94
C GLY A 65 8.56 -8.09 -0.92
N PHE A 66 8.34 -7.13 -1.82
CA PHE A 66 9.21 -5.96 -1.95
C PHE A 66 9.53 -5.28 -0.62
N CYS A 67 8.50 -4.96 0.15
CA CYS A 67 8.71 -4.28 1.43
C CYS A 67 9.35 -5.14 2.50
N ILE A 68 9.13 -6.46 2.45
CA ILE A 68 9.75 -7.33 3.44
C ILE A 68 11.24 -7.42 3.14
N ASP A 69 11.60 -7.51 1.86
CA ASP A 69 13.01 -7.53 1.47
C ASP A 69 13.65 -6.21 1.93
N LEU A 70 12.91 -5.11 1.78
CA LEU A 70 13.42 -3.81 2.18
C LEU A 70 13.64 -3.76 3.70
N LEU A 71 12.67 -4.29 4.44
CA LEU A 71 12.76 -4.34 5.91
C LEU A 71 14.01 -5.10 6.33
N ILE A 72 14.22 -6.27 5.74
CA ILE A 72 15.37 -7.09 6.07
C ILE A 72 16.68 -6.34 5.79
N LYS A 73 16.72 -5.58 4.69
CA LYS A 73 17.90 -4.81 4.35
C LYS A 73 18.14 -3.71 5.38
N LEU A 74 17.06 -3.04 5.78
CA LEU A 74 17.16 -1.96 6.77
C LEU A 74 17.65 -2.48 8.10
N ALA A 75 17.05 -3.58 8.56
CA ALA A 75 17.43 -4.18 9.85
C ALA A 75 18.89 -4.59 9.88
N ARG A 76 19.38 -5.11 8.75
CA ARG A 76 20.78 -5.53 8.68
C ARG A 76 21.72 -4.32 8.68
N THR A 77 21.42 -3.35 7.83
CA THR A 77 22.23 -2.15 7.72
C THR A 77 22.26 -1.32 9.01
N MET A 78 21.12 -1.19 9.65
CA MET A 78 21.01 -0.39 10.88
C MET A 78 21.17 -1.21 12.15
N ASN A 79 21.44 -2.50 11.98
CA ASN A 79 21.64 -3.41 13.10
C ASN A 79 20.54 -3.39 14.17
N PHE A 80 19.30 -3.60 13.77
CA PHE A 80 18.22 -3.63 14.74
C PHE A 80 17.40 -4.91 14.58
N THR A 81 16.78 -5.35 15.67
CA THR A 81 15.94 -6.54 15.63
C THR A 81 14.51 -6.05 15.54
N TYR A 82 13.60 -6.94 15.15
CA TYR A 82 12.21 -6.53 14.97
C TYR A 82 11.20 -7.65 15.06
N GLU A 83 9.93 -7.26 15.10
CA GLU A 83 8.81 -8.19 15.13
C GLU A 83 7.74 -7.51 14.26
N VAL A 84 7.22 -8.24 13.29
CA VAL A 84 6.24 -7.68 12.37
C VAL A 84 4.80 -8.09 12.63
N HIS A 85 3.88 -7.14 12.50
CA HIS A 85 2.47 -7.44 12.66
C HIS A 85 1.67 -6.64 11.64
N LEU A 86 0.52 -7.18 11.27
CA LEU A 86 -0.37 -6.55 10.30
C LEU A 86 -1.29 -5.57 11.02
N VAL A 87 -1.49 -4.39 10.45
CA VAL A 87 -2.35 -3.38 11.05
C VAL A 87 -3.70 -3.99 11.42
N ALA A 88 -4.09 -3.83 12.68
CA ALA A 88 -5.34 -4.42 13.16
C ALA A 88 -6.61 -4.07 12.41
N ASP A 89 -6.78 -2.80 12.02
CA ASP A 89 -7.99 -2.43 11.30
C ASP A 89 -7.87 -2.55 9.79
N GLY A 90 -6.69 -3.03 9.34
CA GLY A 90 -6.45 -3.21 7.92
C GLY A 90 -6.37 -1.99 7.03
N LYS A 91 -6.24 -0.81 7.62
CA LYS A 91 -6.21 0.43 6.85
C LYS A 91 -4.85 1.13 6.81
N PHE A 92 -4.66 2.00 5.83
CA PHE A 92 -3.41 2.75 5.72
C PHE A 92 -3.44 3.89 6.74
N GLY A 93 -4.52 4.65 6.73
CA GLY A 93 -4.66 5.73 7.70
C GLY A 93 -5.10 7.12 7.27
N THR A 94 -6.14 7.59 7.95
CA THR A 94 -6.69 8.94 7.76
C THR A 94 -7.04 9.40 9.17
N GLN A 95 -7.27 10.70 9.32
CA GLN A 95 -7.61 11.28 10.62
C GLN A 95 -9.11 11.54 10.66
N GLU A 96 -9.79 11.00 11.68
CA GLU A 96 -11.23 11.20 11.80
C GLU A 96 -11.64 11.44 13.24
N ARG A 97 -12.83 12.00 13.43
CA ARG A 97 -13.34 12.22 14.77
C ARG A 97 -13.68 10.82 15.28
N VAL A 98 -13.49 10.59 16.58
CA VAL A 98 -13.78 9.29 17.15
C VAL A 98 -14.77 9.36 18.29
N ASN A 99 -15.35 8.22 18.63
CA ASN A 99 -16.29 8.09 19.73
C ASN A 99 -17.42 9.11 19.71
N ASN A 100 -17.89 9.46 18.51
CA ASN A 100 -18.96 10.43 18.36
C ASN A 100 -18.68 11.73 19.12
N SER A 101 -17.41 12.16 19.08
CA SER A 101 -17.00 13.39 19.74
C SER A 101 -16.25 14.25 18.73
N ASN A 102 -15.60 15.29 19.20
CA ASN A 102 -14.83 16.17 18.32
C ASN A 102 -13.34 15.86 18.42
N LYS A 103 -13.01 14.83 19.17
CA LYS A 103 -11.62 14.40 19.34
C LYS A 103 -11.20 13.66 18.06
N LYS A 104 -10.09 14.07 17.48
CA LYS A 104 -9.60 13.43 16.25
C LYS A 104 -8.42 12.52 16.51
N GLU A 105 -8.45 11.35 15.89
CA GLU A 105 -7.37 10.38 16.02
C GLU A 105 -7.15 9.74 14.66
N TRP A 106 -5.94 9.27 14.42
CA TRP A 106 -5.63 8.62 13.15
C TRP A 106 -5.96 7.13 13.29
N ASN A 107 -6.42 6.54 12.20
CA ASN A 107 -6.71 5.10 12.18
C ASN A 107 -5.63 4.44 11.35
N GLY A 108 -5.79 3.15 11.04
CA GLY A 108 -4.80 2.46 10.24
C GLY A 108 -3.40 2.43 10.82
N MET A 109 -2.42 2.26 9.93
CA MET A 109 -1.02 2.21 10.35
C MET A 109 -0.57 3.53 10.97
N MET A 110 -1.14 4.64 10.49
CA MET A 110 -0.80 5.95 11.05
C MET A 110 -1.15 5.94 12.54
N GLY A 111 -2.36 5.49 12.85
CA GLY A 111 -2.80 5.45 14.24
C GLY A 111 -1.93 4.58 15.12
N GLU A 112 -1.55 3.40 14.62
CA GLU A 112 -0.72 2.49 15.41
C GLU A 112 0.67 3.06 15.67
N LEU A 113 1.21 3.79 14.70
CA LEU A 113 2.52 4.39 14.86
C LEU A 113 2.46 5.46 15.95
N LEU A 114 1.44 6.30 15.89
CA LEU A 114 1.26 7.38 16.86
C LEU A 114 0.95 6.90 18.27
N SER A 115 0.28 5.76 18.39
CA SER A 115 -0.10 5.22 19.70
C SER A 115 1.02 4.42 20.37
N GLY A 116 2.00 3.99 19.59
CA GLY A 116 3.09 3.20 20.14
C GLY A 116 2.91 1.72 19.85
N GLN A 117 1.81 1.35 19.21
CA GLN A 117 1.57 -0.04 18.87
C GLN A 117 2.62 -0.49 17.85
N ALA A 118 3.18 0.50 17.15
CA ALA A 118 4.23 0.24 16.17
C ALA A 118 5.30 1.29 16.35
N ASP A 119 6.54 0.94 16.02
CA ASP A 119 7.65 1.88 16.12
C ASP A 119 8.04 2.35 14.72
N MET A 120 7.70 1.57 13.71
CA MET A 120 8.04 1.92 12.34
C MET A 120 7.03 1.30 11.38
N ILE A 121 6.65 2.06 10.36
CA ILE A 121 5.72 1.57 9.34
C ILE A 121 6.56 1.19 8.13
N VAL A 122 6.50 -0.07 7.72
CA VAL A 122 7.25 -0.51 6.55
C VAL A 122 6.24 -1.13 5.60
N ALA A 123 5.81 -0.33 4.63
CA ALA A 123 4.79 -0.77 3.69
C ALA A 123 4.72 0.28 2.58
N PRO A 124 3.84 0.05 1.59
CA PRO A 124 3.73 1.05 0.52
C PRO A 124 2.91 2.21 1.05
N LEU A 125 3.51 2.96 1.96
CA LEU A 125 2.89 4.10 2.63
C LEU A 125 3.12 5.43 1.90
N THR A 126 2.04 6.05 1.46
CA THR A 126 2.12 7.31 0.74
C THR A 126 2.59 8.48 1.60
N ILE A 127 3.55 9.23 1.07
CA ILE A 127 4.08 10.41 1.74
C ILE A 127 3.20 11.59 1.33
N ASN A 128 2.61 12.29 2.29
CA ASN A 128 1.82 13.47 1.96
C ASN A 128 1.92 14.52 3.06
N THR A 129 1.52 15.74 2.75
CA THR A 129 1.59 16.85 3.70
C THR A 129 0.83 16.63 5.00
N GLU A 130 -0.41 16.14 4.89
CA GLU A 130 -1.23 15.90 6.07
C GLU A 130 -0.57 14.95 7.05
N ARG A 131 -0.10 13.81 6.55
CA ARG A 131 0.56 12.82 7.40
C ARG A 131 1.86 13.36 7.98
N ALA A 132 2.60 14.14 7.18
CA ALA A 132 3.87 14.71 7.61
C ALA A 132 3.70 15.68 8.79
N GLN A 133 2.47 16.12 9.02
CA GLN A 133 2.19 17.03 10.13
C GLN A 133 2.20 16.27 11.45
N TYR A 134 2.02 14.95 11.38
CA TYR A 134 1.97 14.13 12.58
C TYR A 134 3.09 13.13 12.75
N ILE A 135 3.67 12.68 11.65
CA ILE A 135 4.78 11.74 11.71
C ILE A 135 5.89 12.19 10.78
N GLU A 136 6.99 11.43 10.77
CA GLU A 136 8.11 11.73 9.90
C GLU A 136 8.29 10.61 8.88
N PHE A 137 8.69 10.99 7.67
CA PHE A 137 8.91 10.02 6.60
C PHE A 137 10.37 10.03 6.17
N SER A 138 10.81 8.90 5.66
CA SER A 138 12.16 8.79 5.13
C SER A 138 12.00 9.37 3.72
N LYS A 139 13.10 9.50 3.00
CA LYS A 139 13.00 9.95 1.62
C LYS A 139 12.25 8.78 0.94
N PRO A 140 11.63 9.01 -0.22
CA PRO A 140 10.91 7.93 -0.90
C PRO A 140 11.74 6.73 -1.30
N PHE A 141 11.23 5.52 -1.07
CA PHE A 141 11.93 4.32 -1.47
C PHE A 141 11.39 3.90 -2.84
N LYS A 142 10.26 4.50 -3.22
CA LYS A 142 9.65 4.23 -4.51
C LYS A 142 8.90 5.45 -5.02
N TYR A 143 9.07 5.76 -6.30
CA TYR A 143 8.40 6.90 -6.92
C TYR A 143 7.27 6.36 -7.79
N GLN A 144 6.05 6.86 -7.55
CA GLN A 144 4.91 6.41 -8.33
C GLN A 144 3.83 7.47 -8.41
N GLY A 145 2.57 7.05 -8.49
CA GLY A 145 1.48 8.00 -8.56
C GLY A 145 0.13 7.34 -8.50
N LEU A 146 -0.89 8.07 -8.93
CA LEU A 146 -2.25 7.54 -8.93
C LEU A 146 -2.69 7.27 -10.36
N THR A 147 -3.44 6.18 -10.53
CA THR A 147 -3.96 5.82 -11.85
C THR A 147 -5.30 5.12 -11.66
N ILE A 148 -5.85 4.58 -12.76
CA ILE A 148 -7.15 3.92 -12.68
C ILE A 148 -7.13 2.53 -13.29
N LEU A 149 -7.75 1.59 -12.59
CA LEU A 149 -7.83 0.19 -13.03
C LEU A 149 -9.23 -0.12 -13.50
N VAL A 150 -9.34 -0.69 -14.71
CA VAL A 150 -10.63 -1.05 -15.28
C VAL A 150 -10.52 -2.42 -15.94
N LYS A 151 -11.68 -2.99 -16.29
CA LYS A 151 -11.72 -4.28 -16.96
C LYS A 151 -11.36 -4.05 -18.43
N LYS A 152 -10.61 -4.98 -19.02
CA LYS A 152 -10.21 -4.84 -20.42
C LYS A 152 -11.47 -4.59 -21.25
N GLY A 153 -11.46 -3.53 -22.06
CA GLY A 153 -12.61 -3.22 -22.87
C GLY A 153 -13.33 -1.96 -22.42
N THR A 154 -13.21 -1.63 -21.13
CA THR A 154 -13.84 -0.44 -20.60
C THR A 154 -13.09 0.77 -21.12
N ARG A 155 -13.80 1.69 -21.75
CA ARG A 155 -13.18 2.90 -22.30
C ARG A 155 -13.27 4.10 -21.38
N ILE A 156 -12.11 4.52 -20.88
CA ILE A 156 -12.02 5.67 -19.98
C ILE A 156 -10.80 6.49 -20.38
N THR A 157 -10.95 7.81 -20.43
CA THR A 157 -9.86 8.69 -20.81
C THR A 157 -8.87 8.89 -19.66
N GLY A 158 -9.42 8.99 -18.45
CA GLY A 158 -8.58 9.20 -17.28
C GLY A 158 -9.41 9.82 -16.18
N ILE A 159 -8.73 10.51 -15.26
CA ILE A 159 -9.41 11.14 -14.13
C ILE A 159 -10.42 12.22 -14.56
N ASN A 160 -10.28 12.70 -15.80
CA ASN A 160 -11.17 13.74 -16.30
C ASN A 160 -12.32 13.22 -17.17
N ASP A 161 -12.45 11.90 -17.24
CA ASP A 161 -13.52 11.29 -18.04
C ASP A 161 -14.88 11.74 -17.53
N PRO A 162 -15.81 12.09 -18.44
CA PRO A 162 -17.15 12.53 -18.07
C PRO A 162 -17.89 11.58 -17.14
N ARG A 163 -17.61 10.28 -17.26
CA ARG A 163 -18.28 9.29 -16.42
C ARG A 163 -17.76 9.35 -14.98
N LEU A 164 -16.72 10.13 -14.76
CA LEU A 164 -16.16 10.29 -13.41
C LEU A 164 -16.50 11.69 -12.92
N ARG A 165 -16.46 12.66 -13.83
CA ARG A 165 -16.75 14.05 -13.49
C ARG A 165 -18.25 14.31 -13.39
N ASN A 166 -19.03 13.50 -14.11
CA ASN A 166 -20.50 13.62 -14.11
C ASN A 166 -21.05 12.26 -13.66
N PRO A 167 -20.81 11.90 -12.39
CA PRO A 167 -21.22 10.66 -11.73
C PRO A 167 -22.64 10.17 -11.98
N SER A 168 -22.75 8.85 -12.20
CA SER A 168 -24.03 8.20 -12.44
C SER A 168 -23.96 6.76 -11.95
N ASP A 169 -25.10 6.19 -11.59
CA ASP A 169 -25.15 4.81 -11.10
C ASP A 169 -24.90 3.80 -12.21
N LYS A 170 -24.70 4.29 -13.43
CA LYS A 170 -24.45 3.42 -14.58
C LYS A 170 -22.98 3.02 -14.66
N PHE A 171 -22.12 3.86 -14.07
CA PHE A 171 -20.68 3.60 -14.08
C PHE A 171 -20.16 3.85 -12.67
N ILE A 172 -19.92 2.77 -11.92
CA ILE A 172 -19.45 2.88 -10.55
C ILE A 172 -17.93 2.87 -10.41
N TYR A 173 -17.41 3.82 -9.65
CA TYR A 173 -15.97 3.90 -9.40
C TYR A 173 -15.75 4.14 -7.92
N ALA A 174 -14.57 3.76 -7.42
CA ALA A 174 -14.28 3.91 -6.01
C ALA A 174 -12.80 3.75 -5.71
N THR A 175 -12.46 3.88 -4.44
CA THR A 175 -11.09 3.70 -3.98
C THR A 175 -11.17 2.95 -2.65
N VAL A 176 -10.09 2.97 -1.88
CA VAL A 176 -10.08 2.28 -0.59
C VAL A 176 -10.38 3.23 0.56
N LYS A 177 -11.22 2.78 1.48
CA LYS A 177 -11.59 3.57 2.65
C LYS A 177 -10.38 3.87 3.52
N GLN A 178 -10.41 5.02 4.18
CA GLN A 178 -9.35 5.45 5.08
C GLN A 178 -7.94 5.29 4.50
N SER A 179 -7.77 5.80 3.29
CA SER A 179 -6.49 5.78 2.60
C SER A 179 -6.18 7.21 2.20
N SER A 180 -4.93 7.48 1.83
CA SER A 180 -4.58 8.83 1.41
C SER A 180 -5.28 9.19 0.10
N VAL A 181 -5.59 8.17 -0.70
CA VAL A 181 -6.27 8.41 -1.96
C VAL A 181 -7.68 8.96 -1.71
N ASP A 182 -8.37 8.42 -0.71
CA ASP A 182 -9.71 8.92 -0.43
C ASP A 182 -9.65 10.38 -0.01
N ILE A 183 -8.65 10.74 0.78
CA ILE A 183 -8.50 12.11 1.24
C ILE A 183 -8.11 13.05 0.09
N TYR A 184 -7.34 12.54 -0.87
CA TYR A 184 -6.92 13.34 -2.02
C TYR A 184 -8.14 13.96 -2.68
N PHE A 185 -9.20 13.17 -2.82
CA PHE A 185 -10.42 13.66 -3.44
C PHE A 185 -11.30 14.45 -2.48
N ARG A 186 -11.22 14.11 -1.20
CA ARG A 186 -12.02 14.78 -0.17
C ARG A 186 -11.57 16.22 0.04
N ARG A 187 -10.28 16.46 -0.09
CA ARG A 187 -9.72 17.80 0.11
C ARG A 187 -9.66 18.62 -1.17
N GLN A 188 -10.64 18.44 -2.04
CA GLN A 188 -10.68 19.17 -3.31
C GLN A 188 -12.12 19.54 -3.67
N VAL A 189 -12.43 20.84 -3.63
CA VAL A 189 -13.77 21.32 -3.95
C VAL A 189 -14.17 20.93 -5.37
N GLU A 190 -13.21 20.94 -6.28
CA GLU A 190 -13.47 20.58 -7.67
C GLU A 190 -13.91 19.12 -7.79
N LEU A 191 -13.24 18.25 -7.04
CA LEU A 191 -13.54 16.81 -7.06
C LEU A 191 -14.63 16.45 -6.06
N SER A 192 -15.41 17.43 -5.62
CA SER A 192 -16.47 17.21 -4.66
C SER A 192 -17.52 16.21 -5.16
N THR A 193 -17.93 16.38 -6.42
CA THR A 193 -18.93 15.50 -7.01
C THR A 193 -18.43 14.05 -7.07
N MET A 194 -17.12 13.88 -7.26
CA MET A 194 -16.54 12.55 -7.33
C MET A 194 -16.47 11.93 -5.94
N TYR A 195 -15.95 12.68 -4.98
CA TYR A 195 -15.83 12.21 -3.61
C TYR A 195 -17.18 11.76 -3.08
N ARG A 196 -18.22 12.49 -3.41
CA ARG A 196 -19.57 12.17 -2.95
C ARG A 196 -20.03 10.84 -3.54
N HIS A 197 -19.59 10.54 -4.76
CA HIS A 197 -19.95 9.31 -5.43
C HIS A 197 -19.21 8.11 -4.85
N MET A 198 -17.90 8.22 -4.75
CA MET A 198 -17.08 7.14 -4.21
C MET A 198 -17.44 6.80 -2.77
N GLU A 199 -17.79 7.82 -2.00
CA GLU A 199 -18.15 7.65 -0.60
C GLU A 199 -19.14 6.50 -0.37
N LYS A 200 -20.02 6.27 -1.34
CA LYS A 200 -21.01 5.21 -1.22
C LYS A 200 -20.56 3.89 -1.84
N HIS A 201 -19.32 3.84 -2.30
CA HIS A 201 -18.82 2.62 -2.93
C HIS A 201 -17.42 2.17 -2.52
N ASN A 202 -16.72 2.97 -1.73
CA ASN A 202 -15.36 2.61 -1.32
C ASN A 202 -15.25 1.24 -0.68
N TYR A 203 -14.14 0.57 -0.96
CA TYR A 203 -13.87 -0.78 -0.44
C TYR A 203 -12.95 -0.80 0.78
N GLU A 204 -13.05 -1.88 1.55
CA GLU A 204 -12.23 -2.03 2.75
C GLU A 204 -10.75 -2.27 2.45
N SER A 205 -10.46 -2.87 1.29
CA SER A 205 -9.08 -3.15 0.91
C SER A 205 -8.91 -3.11 -0.61
N ALA A 206 -7.67 -2.95 -1.04
CA ALA A 206 -7.35 -2.91 -2.47
C ALA A 206 -7.71 -4.23 -3.13
N ALA A 207 -7.37 -5.34 -2.48
CA ALA A 207 -7.67 -6.66 -3.03
C ALA A 207 -9.15 -6.82 -3.36
N GLU A 208 -10.01 -6.40 -2.44
CA GLU A 208 -11.44 -6.53 -2.67
C GLU A 208 -11.93 -5.66 -3.83
N ALA A 209 -11.36 -4.47 -3.95
CA ALA A 209 -11.74 -3.57 -5.04
C ALA A 209 -11.30 -4.14 -6.37
N ILE A 210 -10.08 -4.66 -6.42
CA ILE A 210 -9.54 -5.26 -7.64
C ILE A 210 -10.40 -6.44 -8.06
N GLN A 211 -10.81 -7.26 -7.09
CA GLN A 211 -11.63 -8.42 -7.39
C GLN A 211 -12.99 -7.96 -7.94
N ALA A 212 -13.51 -6.88 -7.38
CA ALA A 212 -14.79 -6.33 -7.82
C ALA A 212 -14.75 -5.88 -9.27
N VAL A 213 -13.61 -5.31 -9.69
CA VAL A 213 -13.47 -4.87 -11.08
C VAL A 213 -13.49 -6.10 -11.97
N ARG A 214 -12.75 -7.11 -11.54
CA ARG A 214 -12.68 -8.37 -12.28
C ARG A 214 -14.05 -9.04 -12.38
N ASP A 215 -14.87 -8.90 -11.34
CA ASP A 215 -16.20 -9.52 -11.33
C ASP A 215 -17.28 -8.61 -11.91
N ASN A 216 -16.87 -7.48 -12.48
CA ASN A 216 -17.81 -6.54 -13.08
C ASN A 216 -18.76 -5.92 -12.07
N LYS A 217 -18.34 -5.85 -10.81
CA LYS A 217 -19.15 -5.26 -9.75
C LYS A 217 -18.73 -3.82 -9.53
N LEU A 218 -17.52 -3.50 -9.97
CA LEU A 218 -16.95 -2.16 -9.86
C LEU A 218 -16.38 -1.84 -11.24
N HIS A 219 -16.73 -0.70 -11.79
CA HIS A 219 -16.26 -0.33 -13.14
C HIS A 219 -14.87 0.30 -13.17
N ALA A 220 -14.52 1.06 -12.14
CA ALA A 220 -13.20 1.69 -12.09
C ALA A 220 -12.69 1.79 -10.66
N PHE A 221 -11.41 1.49 -10.47
CA PHE A 221 -10.77 1.53 -9.16
C PHE A 221 -9.60 2.51 -9.22
N ILE A 222 -9.69 3.57 -8.42
CA ILE A 222 -8.66 4.60 -8.37
C ILE A 222 -7.69 4.25 -7.25
N TRP A 223 -6.43 4.03 -7.60
CA TRP A 223 -5.45 3.60 -6.60
C TRP A 223 -4.00 3.86 -7.03
N ASP A 224 -3.05 3.44 -6.19
CA ASP A 224 -1.62 3.61 -6.45
C ASP A 224 -1.19 2.88 -7.72
N SER A 225 -0.45 3.59 -8.58
CA SER A 225 0.01 2.99 -9.82
C SER A 225 1.00 1.84 -9.60
N ALA A 226 1.81 1.91 -8.54
CA ALA A 226 2.77 0.84 -8.30
C ALA A 226 2.03 -0.48 -8.10
N VAL A 227 0.87 -0.41 -7.46
CA VAL A 227 0.06 -1.59 -7.21
C VAL A 227 -0.80 -1.94 -8.41
N LEU A 228 -1.51 -0.95 -8.97
CA LEU A 228 -2.38 -1.22 -10.10
C LEU A 228 -1.69 -1.68 -11.37
N GLU A 229 -0.52 -1.12 -11.69
CA GLU A 229 0.18 -1.55 -12.89
C GLU A 229 0.68 -2.98 -12.71
N PHE A 230 1.01 -3.35 -11.48
CA PHE A 230 1.46 -4.72 -11.23
C PHE A 230 0.25 -5.66 -11.43
N GLU A 231 -0.85 -5.33 -10.78
CA GLU A 231 -2.06 -6.14 -10.88
C GLU A 231 -2.50 -6.29 -12.34
N ALA A 232 -2.56 -5.16 -13.04
CA ALA A 232 -2.97 -5.19 -14.44
C ALA A 232 -1.98 -5.99 -15.31
N SER A 233 -0.70 -5.97 -14.96
CA SER A 233 0.28 -6.70 -15.75
C SER A 233 0.30 -8.21 -15.47
N GLN A 234 -0.34 -8.62 -14.38
CA GLN A 234 -0.36 -10.04 -14.04
C GLN A 234 -1.70 -10.68 -14.42
N LYS A 235 -2.69 -9.85 -14.70
CA LYS A 235 -4.02 -10.31 -15.06
C LYS A 235 -4.41 -9.71 -16.41
N CYS A 236 -4.42 -10.56 -17.44
CA CYS A 236 -4.71 -10.13 -18.79
C CYS A 236 -6.10 -9.50 -18.97
N ASP A 237 -7.00 -9.73 -18.02
CA ASP A 237 -8.35 -9.18 -18.10
C ASP A 237 -8.47 -7.79 -17.47
N LEU A 238 -7.39 -7.31 -16.85
CA LEU A 238 -7.38 -6.00 -16.21
C LEU A 238 -6.34 -5.08 -16.84
N VAL A 239 -6.68 -3.80 -16.96
CA VAL A 239 -5.78 -2.81 -17.54
C VAL A 239 -5.88 -1.51 -16.75
N THR A 240 -4.90 -0.62 -16.95
CA THR A 240 -4.93 0.68 -16.31
C THR A 240 -5.01 1.72 -17.42
N THR A 241 -5.42 2.93 -17.07
CA THR A 241 -5.52 3.99 -18.07
C THR A 241 -4.13 4.34 -18.60
N GLY A 242 -3.11 4.01 -17.81
CA GLY A 242 -1.75 4.27 -18.23
C GLY A 242 -1.09 5.52 -17.69
N GLU A 243 -1.85 6.61 -17.56
CA GLU A 243 -1.29 7.86 -17.08
C GLU A 243 -1.47 8.07 -15.59
N LEU A 244 -0.46 8.68 -14.96
CA LEU A 244 -0.52 8.99 -13.55
C LEU A 244 -1.00 10.43 -13.45
N PHE A 245 -2.23 10.62 -12.98
CA PHE A 245 -2.79 11.96 -12.88
C PHE A 245 -2.28 12.72 -11.66
N PHE A 246 -1.41 12.07 -10.90
CA PHE A 246 -0.83 12.67 -9.70
C PHE A 246 0.37 11.83 -9.31
N ARG A 247 1.44 12.48 -8.87
CA ARG A 247 2.65 11.77 -8.47
C ARG A 247 2.83 11.77 -6.95
N SER A 248 3.27 10.64 -6.43
CA SER A 248 3.49 10.50 -5.00
C SER A 248 4.54 9.43 -4.75
N GLY A 249 5.20 9.50 -3.61
CA GLY A 249 6.21 8.52 -3.30
C GLY A 249 5.83 7.73 -2.06
N PHE A 250 6.43 6.55 -1.90
CA PHE A 250 6.20 5.71 -0.74
C PHE A 250 7.40 5.90 0.17
N GLY A 251 7.16 6.02 1.46
CA GLY A 251 8.29 6.17 2.37
C GLY A 251 8.09 5.36 3.63
N ILE A 252 9.16 5.26 4.42
CA ILE A 252 9.10 4.55 5.69
C ILE A 252 8.55 5.58 6.69
N GLY A 253 7.67 5.14 7.58
CA GLY A 253 7.08 6.05 8.54
C GLY A 253 7.59 5.84 9.95
N MET A 254 7.88 6.94 10.65
CA MET A 254 8.38 6.89 12.02
C MET A 254 7.79 8.05 12.81
N ARG A 255 7.80 7.96 14.13
CA ARG A 255 7.27 9.07 14.93
C ARG A 255 8.23 10.25 14.81
N LYS A 256 7.71 11.44 15.08
CA LYS A 256 8.52 12.66 15.03
C LYS A 256 9.72 12.53 15.96
N ASP A 257 10.86 13.07 15.52
CA ASP A 257 12.08 13.04 16.31
C ASP A 257 12.55 11.64 16.68
N SER A 258 12.38 10.71 15.75
CA SER A 258 12.79 9.33 15.96
C SER A 258 14.31 9.24 15.73
N PRO A 259 14.96 8.30 16.42
CA PRO A 259 16.41 8.14 16.26
C PRO A 259 16.78 7.36 15.00
N TRP A 260 15.76 6.95 14.24
CA TRP A 260 15.99 6.15 13.04
C TRP A 260 15.90 6.87 11.70
N LYS A 261 15.18 7.99 11.64
CA LYS A 261 15.01 8.70 10.37
C LYS A 261 16.27 8.93 9.53
N GLN A 262 17.29 9.51 10.13
CA GLN A 262 18.53 9.78 9.41
C GLN A 262 19.14 8.53 8.78
N ASN A 263 19.24 7.46 9.57
CA ASN A 263 19.82 6.23 9.07
C ASN A 263 18.93 5.49 8.07
N VAL A 264 17.62 5.62 8.22
CA VAL A 264 16.71 4.96 7.29
C VAL A 264 16.85 5.61 5.92
N SER A 265 16.86 6.95 5.88
CA SER A 265 17.00 7.64 4.60
C SER A 265 18.37 7.36 4.01
N LEU A 266 19.40 7.22 4.86
CA LEU A 266 20.74 6.93 4.37
C LEU A 266 20.75 5.57 3.69
N SER A 267 20.05 4.60 4.27
CA SER A 267 19.99 3.27 3.69
C SER A 267 19.25 3.31 2.36
N ILE A 268 18.13 4.03 2.33
CA ILE A 268 17.34 4.15 1.12
C ILE A 268 18.14 4.83 0.02
N LEU A 269 18.93 5.85 0.38
CA LEU A 269 19.76 6.53 -0.62
C LEU A 269 20.73 5.53 -1.24
N LYS A 270 21.42 4.77 -0.39
CA LYS A 270 22.37 3.79 -0.89
C LYS A 270 21.69 2.77 -1.80
N SER A 271 20.48 2.35 -1.43
CA SER A 271 19.76 1.37 -2.24
C SER A 271 19.35 1.92 -3.62
N HIS A 272 19.12 3.23 -3.69
CA HIS A 272 18.78 3.86 -4.96
C HIS A 272 20.06 4.00 -5.80
N GLU A 273 21.20 4.12 -5.13
CA GLU A 273 22.48 4.29 -5.82
C GLU A 273 23.14 3.04 -6.35
N ASN A 274 23.02 1.93 -5.62
CA ASN A 274 23.70 0.70 -5.98
C ASN A 274 22.94 -0.40 -6.71
N GLY A 275 21.70 -0.14 -7.11
CA GLY A 275 20.94 -1.13 -7.83
C GLY A 275 20.05 -2.03 -6.99
N PHE A 276 20.12 -1.91 -5.67
CA PHE A 276 19.29 -2.75 -4.81
C PHE A 276 17.80 -2.54 -5.07
N MET A 277 17.37 -1.28 -5.14
CA MET A 277 15.96 -1.01 -5.40
C MET A 277 15.57 -1.50 -6.78
N GLU A 278 16.44 -1.29 -7.76
CA GLU A 278 16.16 -1.76 -9.11
C GLU A 278 16.00 -3.27 -9.13
N ASP A 279 16.83 -3.97 -8.36
CA ASP A 279 16.74 -5.44 -8.32
C ASP A 279 15.43 -5.87 -7.68
N LEU A 280 14.95 -5.11 -6.71
CA LEU A 280 13.68 -5.45 -6.07
C LEU A 280 12.57 -5.36 -7.12
N ASP A 281 12.66 -4.39 -8.03
CA ASP A 281 11.65 -4.27 -9.08
C ASP A 281 11.71 -5.46 -10.02
N LYS A 282 12.92 -5.91 -10.35
CA LYS A 282 13.06 -7.05 -11.25
C LYS A 282 12.64 -8.36 -10.58
N THR A 283 12.64 -8.36 -9.25
CA THR A 283 12.25 -9.56 -8.52
C THR A 283 10.76 -9.62 -8.22
N TRP A 284 10.19 -8.48 -7.84
CA TRP A 284 8.79 -8.41 -7.44
C TRP A 284 7.79 -7.68 -8.34
N VAL A 285 8.27 -6.92 -9.31
CA VAL A 285 7.33 -6.17 -10.13
C VAL A 285 7.31 -6.51 -11.61
N ARG A 286 8.45 -6.42 -12.27
CA ARG A 286 8.52 -6.72 -13.71
C ARG A 286 9.37 -7.95 -13.96
N TYR A 287 8.73 -9.09 -14.16
CA TYR A 287 9.49 -10.32 -14.38
C TYR A 287 8.80 -11.40 -15.21
N GLN A 288 7.50 -11.27 -15.45
CA GLN A 288 6.79 -12.27 -16.25
C GLN A 288 5.52 -11.72 -16.87
N GLU A 289 4.95 -12.45 -17.83
CA GLU A 289 3.73 -12.04 -18.49
C GLU A 289 2.49 -12.39 -17.68
N CYS A 290 1.33 -11.86 -18.07
CA CYS A 290 0.09 -12.10 -17.35
C CYS A 290 -0.31 -13.57 -17.42
N ASP A 291 -0.96 -14.06 -16.36
CA ASP A 291 -1.37 -15.44 -16.29
C ASP A 291 -2.24 -15.70 -15.06
N SER A 292 -2.53 -14.65 -14.30
CA SER A 292 -3.34 -14.77 -13.09
C SER A 292 -4.77 -14.28 -13.27
OG 4AX B . -0.58 5.07 2.15
O 4AX B . -3.58 5.19 0.46
N 4AX B . -0.26 4.14 -0.52
NXT 4AX B . -2.72 5.57 1.58
CA 4AX B . -1.59 4.12 0.12
CB 4AX B . -2.71 4.78 -0.61
C3 4AX B . -1.58 4.97 1.39
#